data_5KWB
#
_entry.id   5KWB
#
_cell.length_a   86.556
_cell.length_b   183.800
_cell.length_c   63.342
_cell.angle_alpha   90.00
_cell.angle_beta   90.00
_cell.angle_gamma   90.00
#
_symmetry.space_group_name_H-M   'C 2 2 21'
#
loop_
_entity.id
_entity.type
_entity.pdbx_description
1 polymer 'Spike glycoprotein'
2 branched beta-D-fructofuranose-(2-1)-alpha-D-glucopyranose
3 non-polymer 2-acetamido-2-deoxy-beta-D-glucopyranose
4 non-polymer 'MAGNESIUM ION'
5 water water
#
_entity_poly.entity_id   1
_entity_poly.type   'polypeptide(L)'
_entity_poly.pdbx_seq_one_letter_code
;SGFTVKPVATVHRRIPDLPDCDIDKWLNNFNVPSPLNWERKIFSNCNFNLSTLLRLVHTDSFSCNNFDESKIYGSCFKSI
VLDKFAIPNSRRSDLQLGSSGFLQSSNYKIDTTSSSCQLYYSLPAINVTINNYNPSSWNRRYGFNNFNLSSHSVVYSRYC
FSVNNTFCPCAKPSFASSCKSHKPPSASCPIGTNYRSCESTTVLDHTDWCRCSCLPDPITAYDPRSCSQKKSLVGVGEHC
AGFGVDEEKCGVLDGSYNVSCLCSTDAFLGWSYDTCVSNNRCNIFSNFILNGINSGTTCSNDLLQPNTEVFTDVCVDYDL
YGITGQGIFKEVSAVYYNSWQNLLYDSNGNIIGFKDFVTNKTYNIFPCYAG
;
_entity_poly.pdbx_strand_id   A
#
# COMPACT_ATOMS: atom_id res chain seq x y z
N VAL A 5 -10.62 23.34 -5.64
CA VAL A 5 -9.77 22.65 -6.60
C VAL A 5 -8.96 23.66 -7.42
N LYS A 6 -7.67 23.36 -7.62
CA LYS A 6 -6.84 24.18 -8.49
C LYS A 6 -7.46 24.23 -9.89
N PRO A 7 -7.67 25.41 -10.45
CA PRO A 7 -8.33 25.48 -11.76
C PRO A 7 -7.39 25.06 -12.90
N VAL A 8 -7.99 24.58 -13.98
CA VAL A 8 -7.20 24.23 -15.16
C VAL A 8 -6.53 25.50 -15.70
N ALA A 9 -5.33 25.33 -16.26
CA ALA A 9 -4.59 26.47 -16.78
C ALA A 9 -5.30 27.09 -17.99
N THR A 10 -5.18 28.41 -18.09
CA THR A 10 -5.83 29.13 -19.21
C THR A 10 -5.28 28.65 -20.54
N VAL A 11 -3.97 28.39 -20.63
CA VAL A 11 -3.39 27.78 -21.82
C VAL A 11 -2.83 26.42 -21.41
N HIS A 12 -3.43 25.35 -21.94
CA HIS A 12 -3.07 23.99 -21.55
C HIS A 12 -2.85 23.14 -22.80
N ARG A 13 -1.74 22.41 -22.81
CA ARG A 13 -1.45 21.45 -23.87
CA ARG A 13 -1.46 21.44 -23.87
C ARG A 13 -0.88 20.18 -23.25
N ARG A 14 -1.44 19.04 -23.64
CA ARG A 14 -0.96 17.74 -23.21
C ARG A 14 0.21 17.27 -24.05
N ILE A 15 0.97 16.35 -23.47
CA ILE A 15 2.04 15.69 -24.23
C ILE A 15 1.39 14.71 -25.19
N PRO A 16 1.71 14.75 -26.49
CA PRO A 16 0.81 14.13 -27.47
C PRO A 16 0.89 12.61 -27.56
N ASP A 17 2.06 11.98 -27.40
CA ASP A 17 2.12 10.53 -27.66
C ASP A 17 2.48 9.71 -26.43
N LEU A 18 1.76 9.90 -25.36
CA LEU A 18 2.04 9.10 -24.18
C LEU A 18 1.37 7.74 -24.29
N PRO A 19 1.94 6.71 -23.67
CA PRO A 19 1.29 5.41 -23.71
C PRO A 19 0.06 5.38 -22.84
N ASP A 20 -0.77 4.37 -23.06
CA ASP A 20 -1.91 4.08 -22.19
C ASP A 20 -1.42 3.62 -20.82
N CYS A 21 -2.15 4.01 -19.76
CA CYS A 21 -1.78 3.61 -18.41
C CYS A 21 -1.97 2.13 -18.18
N ASP A 22 -2.94 1.51 -18.85
CA ASP A 22 -3.24 0.09 -18.69
C ASP A 22 -3.59 -0.25 -17.23
N ILE A 23 -4.42 0.58 -16.61
CA ILE A 23 -4.85 0.31 -15.24
C ILE A 23 -5.64 -0.99 -15.17
N ASP A 24 -6.46 -1.26 -16.17
CA ASP A 24 -7.30 -2.46 -16.15
C ASP A 24 -6.47 -3.74 -16.17
N LYS A 25 -5.32 -3.70 -16.84
CA LYS A 25 -4.48 -4.88 -16.93
C LYS A 25 -3.91 -5.22 -15.56
N TRP A 26 -3.58 -4.21 -14.76
CA TRP A 26 -3.08 -4.45 -13.41
C TRP A 26 -4.21 -4.90 -12.48
N LEU A 27 -5.34 -4.21 -12.52
CA LEU A 27 -6.46 -4.63 -11.67
C LEU A 27 -6.91 -6.06 -11.97
N ASN A 28 -6.82 -6.50 -13.22
CA ASN A 28 -7.36 -7.80 -13.60
C ASN A 28 -6.32 -8.91 -13.54
N ASN A 29 -5.12 -8.63 -13.04
CA ASN A 29 -4.13 -9.67 -12.83
C ASN A 29 -4.69 -10.75 -11.90
N PHE A 30 -4.58 -11.99 -12.34
CA PHE A 30 -5.17 -13.14 -11.64
C PHE A 30 -4.43 -13.52 -10.36
N ASN A 31 -3.22 -13.01 -10.14
CA ASN A 31 -2.53 -13.20 -8.86
C ASN A 31 -2.92 -12.06 -7.94
N VAL A 32 -3.91 -12.29 -7.09
CA VAL A 32 -4.54 -11.22 -6.33
C VAL A 32 -4.01 -11.27 -4.90
N PRO A 33 -3.52 -10.17 -4.34
CA PRO A 33 -2.98 -10.21 -2.98
C PRO A 33 -4.09 -10.08 -1.95
N SER A 34 -3.79 -10.59 -0.76
CA SER A 34 -4.63 -10.38 0.38
C SER A 34 -4.39 -8.99 0.97
N PRO A 35 -5.30 -8.52 1.80
CA PRO A 35 -5.10 -7.21 2.43
C PRO A 35 -3.84 -7.14 3.28
N LEU A 36 -3.42 -8.29 3.84
CA LEU A 36 -2.19 -8.35 4.62
C LEU A 36 -1.01 -7.84 3.81
N ASN A 37 -0.93 -8.25 2.55
CA ASN A 37 0.12 -7.83 1.63
C ASN A 37 -0.41 -6.99 0.49
N TRP A 38 -1.21 -5.96 0.80
CA TRP A 38 -1.78 -5.15 -0.26
C TRP A 38 -0.70 -4.61 -1.19
N GLU A 39 -1.03 -4.58 -2.48
CA GLU A 39 -0.14 -4.13 -3.53
C GLU A 39 -0.48 -2.71 -3.98
N ARG A 40 0.55 -2.01 -4.39
CA ARG A 40 0.46 -0.62 -4.82
C ARG A 40 1.13 -0.47 -6.17
N LYS A 41 0.51 0.28 -7.06
CA LYS A 41 1.14 0.66 -8.30
C LYS A 41 0.82 2.11 -8.57
N ILE A 42 1.84 2.88 -8.93
CA ILE A 42 1.68 4.31 -9.20
C ILE A 42 1.69 4.53 -10.71
N PHE A 43 0.68 5.24 -11.20
CA PHE A 43 0.53 5.51 -12.61
C PHE A 43 0.81 6.97 -12.86
N SER A 44 1.66 7.25 -13.85
CA SER A 44 2.07 8.61 -14.14
C SER A 44 2.40 8.71 -15.62
N ASN A 45 2.21 9.90 -16.18
CA ASN A 45 2.72 10.21 -17.52
C ASN A 45 2.15 9.23 -18.53
N CYS A 46 0.82 9.05 -18.49
CA CYS A 46 0.15 8.09 -19.33
C CYS A 46 -1.30 8.51 -19.47
N ASN A 47 -2.00 7.96 -20.46
CA ASN A 47 -3.40 8.29 -20.68
C ASN A 47 -4.28 7.16 -20.19
N PHE A 48 -5.35 7.52 -19.48
CA PHE A 48 -6.32 6.54 -19.00
C PHE A 48 -7.73 6.93 -19.43
N ASN A 49 -8.64 5.98 -19.35
CA ASN A 49 -10.03 6.14 -19.72
C ASN A 49 -10.88 5.57 -18.59
N LEU A 50 -11.48 6.43 -17.76
CA LEU A 50 -12.30 5.92 -16.67
C LEU A 50 -13.50 5.13 -17.20
N SER A 51 -14.11 5.58 -18.29
CA SER A 51 -15.31 4.92 -18.77
C SER A 51 -14.98 3.50 -19.24
N THR A 52 -13.93 3.36 -20.04
CA THR A 52 -13.47 2.04 -20.45
C THR A 52 -13.04 1.21 -19.25
N LEU A 53 -12.36 1.82 -18.31
CA LEU A 53 -11.88 1.08 -17.13
C LEU A 53 -13.04 0.38 -16.42
N LEU A 54 -14.11 1.12 -16.14
CA LEU A 54 -15.25 0.55 -15.41
C LEU A 54 -15.96 -0.56 -16.18
N ARG A 55 -15.82 -0.62 -17.50
CA ARG A 55 -16.37 -1.74 -18.26
C ARG A 55 -15.41 -2.93 -18.35
N LEU A 56 -14.10 -2.69 -18.38
CA LEU A 56 -13.17 -3.80 -18.54
C LEU A 56 -12.92 -4.54 -17.22
N VAL A 57 -13.08 -3.88 -16.10
CA VAL A 57 -13.14 -4.57 -14.84
C VAL A 57 -14.61 -4.73 -14.49
N HIS A 58 -14.96 -5.90 -13.99
CA HIS A 58 -16.35 -6.24 -13.69
C HIS A 58 -16.76 -5.47 -12.45
N THR A 59 -17.05 -4.19 -12.66
CA THR A 59 -17.26 -3.25 -11.57
C THR A 59 -18.60 -3.49 -10.89
N ASP A 60 -18.58 -3.59 -9.56
N ASP A 60 -18.57 -3.60 -9.56
CA ASP A 60 -19.81 -3.61 -8.78
CA ASP A 60 -19.79 -3.63 -8.75
C ASP A 60 -20.16 -2.23 -8.22
C ASP A 60 -20.15 -2.26 -8.21
N SER A 61 -19.15 -1.47 -7.82
CA SER A 61 -19.40 -0.17 -7.21
C SER A 61 -18.15 0.70 -7.38
N PHE A 62 -18.35 1.99 -7.59
CA PHE A 62 -17.26 2.95 -7.71
C PHE A 62 -17.75 4.27 -7.15
N SER A 63 -17.01 4.83 -6.20
CA SER A 63 -17.38 6.14 -5.70
C SER A 63 -16.13 6.85 -5.20
N CYS A 64 -16.26 8.16 -5.01
CA CYS A 64 -15.10 8.99 -4.66
C CYS A 64 -15.36 9.75 -3.38
N ASN A 65 -14.27 10.05 -2.67
CA ASN A 65 -14.28 10.78 -1.42
C ASN A 65 -13.39 12.00 -1.56
N ASN A 66 -13.86 13.15 -1.07
CA ASN A 66 -13.19 14.42 -1.26
C ASN A 66 -12.93 14.71 -2.73
N PHE A 67 -13.83 14.27 -3.61
CA PHE A 67 -13.67 14.50 -5.04
C PHE A 67 -14.98 14.14 -5.71
N ASP A 68 -15.25 14.81 -6.83
CA ASP A 68 -16.45 14.59 -7.62
C ASP A 68 -16.09 13.61 -8.75
N GLU A 69 -16.63 12.39 -8.66
CA GLU A 69 -16.31 11.36 -9.65
CA GLU A 69 -16.32 11.36 -9.65
C GLU A 69 -16.54 11.88 -11.07
N SER A 70 -17.59 12.67 -11.27
CA SER A 70 -17.88 13.16 -12.60
C SER A 70 -16.78 14.08 -13.12
N LYS A 71 -15.95 14.64 -12.24
CA LYS A 71 -14.88 15.53 -12.64
C LYS A 71 -13.63 14.80 -13.10
N ILE A 72 -13.54 13.48 -12.92
CA ILE A 72 -12.35 12.74 -13.38
C ILE A 72 -12.25 12.82 -14.90
N TYR A 73 -13.38 12.57 -15.58
CA TYR A 73 -13.41 12.53 -17.04
C TYR A 73 -12.81 13.80 -17.62
N GLY A 74 -11.83 13.63 -18.51
CA GLY A 74 -11.18 14.77 -19.13
C GLY A 74 -10.12 15.47 -18.33
N SER A 75 -9.84 15.05 -17.09
CA SER A 75 -8.89 15.72 -16.22
C SER A 75 -7.50 15.09 -16.27
N CYS A 76 -6.53 15.88 -15.82
CA CYS A 76 -5.13 15.50 -15.66
C CYS A 76 -4.74 15.53 -14.19
N PHE A 77 -3.86 14.60 -13.82
CA PHE A 77 -3.35 14.46 -12.48
C PHE A 77 -1.85 14.28 -12.54
N LYS A 78 -1.16 14.66 -11.46
CA LYS A 78 0.26 14.37 -11.36
C LYS A 78 0.51 12.87 -11.32
N SER A 79 -0.29 12.14 -10.55
CA SER A 79 -0.16 10.69 -10.52
C SER A 79 -1.46 10.11 -9.94
N ILE A 80 -1.70 8.86 -10.27
CA ILE A 80 -2.80 8.09 -9.67
C ILE A 80 -2.18 6.88 -8.97
N VAL A 81 -2.37 6.80 -7.66
CA VAL A 81 -1.80 5.71 -6.86
C VAL A 81 -2.91 4.71 -6.57
N LEU A 82 -2.73 3.47 -7.04
CA LEU A 82 -3.70 2.39 -6.88
C LEU A 82 -3.19 1.35 -5.90
N ASP A 83 -4.00 1.06 -4.88
CA ASP A 83 -3.81 -0.04 -3.95
C ASP A 83 -4.91 -1.08 -4.17
N LYS A 84 -4.57 -2.38 -4.08
CA LYS A 84 -5.62 -3.38 -4.29
C LYS A 84 -5.41 -4.59 -3.38
N PHE A 85 -6.51 -5.32 -3.18
CA PHE A 85 -6.46 -6.59 -2.46
C PHE A 85 -7.83 -7.27 -2.53
N ALA A 86 -7.80 -8.59 -2.48
CA ALA A 86 -9.00 -9.39 -2.37
C ALA A 86 -9.69 -9.14 -1.05
N ILE A 87 -11.02 -9.27 -1.05
CA ILE A 87 -11.84 -8.96 0.11
C ILE A 87 -12.27 -10.27 0.73
N PRO A 88 -11.83 -10.60 1.95
CA PRO A 88 -12.44 -11.72 2.67
C PRO A 88 -13.92 -11.42 2.91
N ASN A 89 -14.81 -12.37 2.53
CA ASN A 89 -16.24 -12.12 2.60
C ASN A 89 -16.67 -11.51 3.93
N SER A 90 -16.17 -12.07 5.05
CA SER A 90 -16.60 -11.63 6.37
C SER A 90 -16.13 -10.22 6.74
N ARG A 91 -15.23 -9.63 5.96
CA ARG A 91 -14.60 -8.36 6.31
C ARG A 91 -15.10 -7.19 5.49
N ARG A 92 -16.10 -7.40 4.64
CA ARG A 92 -16.45 -6.36 3.66
C ARG A 92 -16.80 -5.04 4.34
N SER A 93 -17.53 -5.09 5.46
CA SER A 93 -17.95 -3.86 6.12
C SER A 93 -16.78 -3.15 6.79
N ASP A 94 -15.64 -3.83 6.97
CA ASP A 94 -14.43 -3.18 7.46
C ASP A 94 -13.94 -2.07 6.53
N LEU A 95 -14.38 -2.08 5.28
CA LEU A 95 -13.85 -1.12 4.29
C LEU A 95 -14.64 0.17 4.24
N GLN A 96 -15.69 0.31 5.05
CA GLN A 96 -16.30 1.63 5.19
C GLN A 96 -15.27 2.64 5.65
N LEU A 97 -15.31 3.83 5.06
CA LEU A 97 -14.35 4.85 5.46
C LEU A 97 -14.45 5.13 6.95
N GLY A 98 -13.30 5.18 7.60
CA GLY A 98 -13.22 5.46 9.01
C GLY A 98 -13.44 4.26 9.92
N SER A 99 -13.69 3.07 9.37
CA SER A 99 -14.02 1.90 10.18
C SER A 99 -12.84 1.48 11.04
N SER A 100 -13.13 1.01 12.24
CA SER A 100 -12.13 0.49 13.17
C SER A 100 -12.04 -1.04 13.17
N GLY A 101 -12.66 -1.71 12.20
CA GLY A 101 -12.62 -3.15 12.13
C GLY A 101 -11.22 -3.66 11.83
N PHE A 102 -11.14 -4.98 11.61
CA PHE A 102 -9.83 -5.62 11.47
C PHE A 102 -9.08 -5.14 10.23
N LEU A 103 -9.74 -5.03 9.08
CA LEU A 103 -8.99 -4.73 7.86
C LEU A 103 -8.21 -3.42 8.01
N GLN A 104 -8.84 -2.38 8.55
CA GLN A 104 -8.15 -1.09 8.59
C GLN A 104 -7.36 -0.86 9.87
N SER A 105 -7.62 -1.64 10.93
CA SER A 105 -6.77 -1.58 12.12
C SER A 105 -5.42 -2.21 11.88
N SER A 106 -5.36 -3.23 11.03
CA SER A 106 -4.25 -4.18 11.06
C SER A 106 -3.81 -4.65 9.69
N ASN A 107 -4.38 -4.11 8.61
CA ASN A 107 -3.96 -4.52 7.27
C ASN A 107 -3.75 -3.33 6.35
N TYR A 108 -4.79 -2.52 6.14
CA TYR A 108 -4.78 -1.41 5.18
C TYR A 108 -5.72 -0.34 5.67
N LYS A 109 -5.17 0.84 5.99
CA LYS A 109 -5.96 1.97 6.44
C LYS A 109 -6.27 2.87 5.25
N ILE A 110 -7.54 3.08 4.98
CA ILE A 110 -7.95 3.95 3.87
C ILE A 110 -7.79 5.39 4.33
N ASP A 111 -6.92 6.13 3.65
CA ASP A 111 -6.73 7.53 3.95
C ASP A 111 -7.99 8.31 3.61
N THR A 112 -8.56 8.99 4.60
CA THR A 112 -9.79 9.75 4.40
C THR A 112 -9.53 11.23 4.11
N THR A 113 -8.29 11.71 4.21
CA THR A 113 -7.99 13.13 3.95
C THR A 113 -7.62 13.41 2.50
N SER A 114 -7.22 12.41 1.74
CA SER A 114 -6.86 12.60 0.34
C SER A 114 -8.10 12.60 -0.56
N SER A 115 -7.93 13.01 -1.81
CA SER A 115 -8.93 12.81 -2.84
C SER A 115 -8.77 11.39 -3.37
N SER A 116 -9.79 10.56 -3.18
CA SER A 116 -9.64 9.14 -3.49
C SER A 116 -10.95 8.56 -3.99
N CYS A 117 -10.83 7.43 -4.68
CA CYS A 117 -11.99 6.66 -5.12
CA CYS A 117 -11.99 6.64 -5.13
C CYS A 117 -11.80 5.18 -4.73
N GLN A 118 -12.90 4.53 -4.33
CA GLN A 118 -12.86 3.12 -3.98
C GLN A 118 -13.64 2.32 -5.00
N LEU A 119 -12.99 1.35 -5.60
CA LEU A 119 -13.54 0.52 -6.65
C LEU A 119 -13.74 -0.89 -6.11
N TYR A 120 -14.98 -1.35 -6.12
CA TYR A 120 -15.29 -2.74 -5.83
C TYR A 120 -15.56 -3.47 -7.13
N TYR A 121 -14.80 -4.54 -7.38
CA TYR A 121 -14.88 -5.28 -8.64
C TYR A 121 -14.61 -6.75 -8.36
N SER A 122 -14.62 -7.55 -9.42
CA SER A 122 -14.41 -8.98 -9.23
C SER A 122 -13.76 -9.60 -10.46
N LEU A 123 -13.20 -10.79 -10.23
CA LEU A 123 -12.57 -11.64 -11.23
C LEU A 123 -13.14 -13.05 -11.13
N PRO A 124 -13.15 -13.79 -12.25
CA PRO A 124 -13.66 -15.16 -12.23
C PRO A 124 -12.83 -16.03 -11.28
N ALA A 125 -13.52 -16.73 -10.37
CA ALA A 125 -12.79 -17.44 -9.32
C ALA A 125 -11.87 -18.51 -9.91
N ILE A 126 -12.28 -19.17 -10.99
CA ILE A 126 -11.52 -20.28 -11.52
CA ILE A 126 -11.52 -20.28 -11.52
C ILE A 126 -10.15 -19.85 -12.02
N ASN A 127 -9.99 -18.57 -12.36
CA ASN A 127 -8.71 -18.06 -12.82
C ASN A 127 -7.88 -17.41 -11.72
N VAL A 128 -8.46 -17.17 -10.54
CA VAL A 128 -7.80 -16.39 -9.51
C VAL A 128 -7.01 -17.32 -8.59
N THR A 129 -5.80 -16.88 -8.26
CA THR A 129 -4.99 -17.46 -7.20
C THR A 129 -4.67 -16.36 -6.20
N ILE A 130 -5.04 -16.56 -4.95
CA ILE A 130 -4.76 -15.56 -3.93
C ILE A 130 -3.32 -15.70 -3.48
N ASN A 131 -2.64 -14.55 -3.36
CA ASN A 131 -1.28 -14.47 -2.82
C ASN A 131 -1.37 -13.95 -1.39
N ASN A 132 -1.24 -14.87 -0.44
CA ASN A 132 -1.14 -14.52 0.97
C ASN A 132 0.35 -14.47 1.35
N TYR A 133 0.83 -13.30 1.78
CA TYR A 133 2.27 -13.10 2.02
C TYR A 133 2.42 -12.28 3.28
N ASN A 134 3.21 -12.80 4.23
CA ASN A 134 3.43 -12.10 5.49
C ASN A 134 4.49 -11.03 5.30
N PRO A 135 4.15 -9.74 5.43
CA PRO A 135 5.12 -8.68 5.16
C PRO A 135 6.09 -8.41 6.28
N SER A 136 6.01 -9.11 7.40
CA SER A 136 6.78 -8.75 8.59
C SER A 136 8.16 -9.40 8.55
N SER A 137 9.21 -8.57 8.48
CA SER A 137 10.56 -9.13 8.46
C SER A 137 10.91 -9.83 9.76
N TRP A 138 10.52 -9.27 10.91
CA TRP A 138 10.83 -9.95 12.17
C TRP A 138 10.08 -11.27 12.30
N ASN A 139 8.79 -11.33 11.91
CA ASN A 139 8.11 -12.64 11.86
C ASN A 139 8.93 -13.63 11.05
N ARG A 140 9.35 -13.20 9.86
CA ARG A 140 10.09 -14.07 8.96
C ARG A 140 11.44 -14.47 9.56
N ARG A 141 12.10 -13.54 10.21
CA ARG A 141 13.40 -13.80 10.82
CA ARG A 141 13.40 -13.81 10.83
C ARG A 141 13.33 -14.97 11.80
N TYR A 142 12.19 -15.13 12.50
CA TYR A 142 12.07 -16.13 13.54
C TYR A 142 11.15 -17.28 13.15
N GLY A 143 11.01 -17.56 11.85
CA GLY A 143 10.35 -18.81 11.49
C GLY A 143 9.17 -18.77 10.55
N PHE A 144 8.55 -17.61 10.35
CA PHE A 144 7.37 -17.59 9.49
C PHE A 144 7.79 -17.69 8.04
N ASN A 145 7.27 -18.67 7.30
CA ASN A 145 7.55 -18.80 5.87
CA ASN A 145 7.55 -18.80 5.87
C ASN A 145 6.30 -18.56 5.05
N ASN A 146 5.35 -19.52 5.02
CA ASN A 146 4.17 -19.40 4.16
C ASN A 146 2.89 -19.74 4.93
N PHE A 147 1.75 -19.46 4.31
CA PHE A 147 0.47 -19.97 4.79
C PHE A 147 0.19 -21.27 4.05
N ASN A 148 -0.66 -22.10 4.64
CA ASN A 148 -1.06 -23.36 4.02
C ASN A 148 -2.58 -23.37 4.04
N LEU A 149 -3.18 -22.80 2.99
CA LEU A 149 -4.61 -22.48 3.00
C LEU A 149 -5.26 -22.89 1.69
N SER A 150 -6.56 -23.19 1.77
CA SER A 150 -7.34 -23.60 0.61
C SER A 150 -7.20 -22.56 -0.50
N SER A 151 -7.55 -22.94 -1.72
CA SER A 151 -7.60 -21.96 -2.78
C SER A 151 -8.75 -21.00 -2.51
N HIS A 152 -8.50 -19.72 -2.75
CA HIS A 152 -9.41 -18.59 -2.56
C HIS A 152 -9.56 -18.18 -1.10
N SER A 153 -8.80 -18.77 -0.17
CA SER A 153 -8.74 -18.24 1.18
C SER A 153 -7.90 -16.96 1.21
N VAL A 154 -8.41 -15.94 1.89
CA VAL A 154 -7.77 -14.63 1.93
C VAL A 154 -7.46 -14.32 3.39
N VAL A 155 -6.17 -14.23 3.69
CA VAL A 155 -5.70 -13.96 5.05
C VAL A 155 -5.98 -12.51 5.41
N TYR A 156 -6.24 -12.27 6.69
CA TYR A 156 -6.18 -10.92 7.23
C TYR A 156 -5.64 -11.01 8.65
N SER A 157 -4.88 -10.00 9.04
CA SER A 157 -4.47 -9.84 10.42
C SER A 157 -5.60 -9.23 11.24
N ARG A 158 -5.73 -9.71 12.47
CA ARG A 158 -6.57 -9.10 13.47
C ARG A 158 -5.80 -8.08 14.28
N TYR A 159 -4.58 -8.45 14.67
CA TYR A 159 -3.75 -7.69 15.59
C TYR A 159 -2.31 -7.71 15.08
N CYS A 160 -1.66 -6.56 15.06
CA CYS A 160 -0.27 -6.46 14.64
CA CYS A 160 -0.26 -6.44 14.65
C CYS A 160 0.60 -6.08 15.84
N PHE A 161 1.84 -6.51 15.79
CA PHE A 161 2.82 -6.27 16.85
C PHE A 161 4.14 -5.83 16.23
N SER A 162 4.75 -4.83 16.82
CA SER A 162 6.06 -4.39 16.40
C SER A 162 7.10 -4.79 17.45
N VAL A 163 8.32 -4.95 17.00
CA VAL A 163 9.44 -5.19 17.93
C VAL A 163 10.62 -4.33 17.49
N ASN A 164 11.55 -4.10 18.40
CA ASN A 164 12.75 -3.38 18.04
C ASN A 164 13.82 -4.37 17.57
N ASN A 165 14.95 -3.84 17.12
CA ASN A 165 15.84 -4.72 16.37
C ASN A 165 16.63 -5.66 17.28
N THR A 166 16.56 -5.47 18.58
CA THR A 166 17.22 -6.39 19.49
C THR A 166 16.30 -7.53 19.91
N PHE A 167 15.10 -7.60 19.36
CA PHE A 167 14.15 -8.60 19.80
C PHE A 167 14.58 -10.02 19.45
N CYS A 168 14.40 -10.92 20.41
CA CYS A 168 14.49 -12.37 20.20
C CYS A 168 13.41 -13.03 21.04
N PRO A 169 12.67 -14.00 20.50
CA PRO A 169 11.57 -14.60 21.26
C PRO A 169 11.92 -15.77 22.17
N CYS A 170 13.18 -16.22 22.21
CA CYS A 170 13.56 -17.45 22.93
C CYS A 170 14.23 -17.17 24.27
N ALA A 171 13.84 -17.95 25.28
CA ALA A 171 14.54 -17.98 26.57
C ALA A 171 15.99 -18.43 26.39
N LYS A 172 16.85 -17.91 27.25
CA LYS A 172 18.29 -18.27 27.22
C LYS A 172 18.50 -19.69 27.74
N PRO A 173 19.25 -20.53 27.02
CA PRO A 173 19.48 -21.88 27.54
C PRO A 173 20.01 -21.92 28.95
N SER A 174 20.93 -21.01 29.31
CA SER A 174 21.47 -21.05 30.66
C SER A 174 20.38 -20.77 31.68
N PHE A 175 19.44 -19.88 31.35
CA PHE A 175 18.34 -19.62 32.27
C PHE A 175 17.43 -20.85 32.36
N ALA A 176 17.01 -21.39 31.22
CA ALA A 176 16.02 -22.46 31.24
C ALA A 176 16.53 -23.70 31.96
N SER A 177 17.84 -23.92 31.93
CA SER A 177 18.38 -25.20 32.35
C SER A 177 18.11 -25.48 33.83
N SER A 178 17.96 -24.45 34.65
CA SER A 178 17.72 -24.69 36.06
C SER A 178 16.24 -24.65 36.43
N CYS A 179 15.33 -24.44 35.48
CA CYS A 179 13.90 -24.43 35.79
C CYS A 179 13.37 -25.82 36.09
N LYS A 180 12.50 -25.91 37.10
CA LYS A 180 11.83 -27.16 37.42
C LYS A 180 10.32 -27.10 37.25
N SER A 181 9.71 -25.94 37.39
CA SER A 181 8.30 -25.75 37.07
C SER A 181 8.17 -24.76 35.93
N HIS A 182 7.53 -25.18 34.85
CA HIS A 182 7.24 -24.33 33.70
C HIS A 182 8.53 -23.90 33.00
N LYS A 183 9.43 -24.84 32.83
CA LYS A 183 10.63 -24.57 32.06
C LYS A 183 10.21 -24.04 30.68
N PRO A 184 10.78 -22.93 30.22
CA PRO A 184 10.45 -22.43 28.89
C PRO A 184 11.33 -23.12 27.86
N PRO A 185 10.89 -23.20 26.62
CA PRO A 185 11.80 -23.62 25.56
C PRO A 185 12.86 -22.55 25.34
N SER A 186 14.01 -22.98 24.84
CA SER A 186 15.18 -22.12 24.79
C SER A 186 15.98 -22.44 23.53
N ALA A 187 16.89 -21.52 23.19
CA ALA A 187 17.74 -21.66 22.02
C ALA A 187 18.66 -20.45 22.05
N SER A 188 19.66 -20.44 21.18
CA SER A 188 20.51 -19.27 21.12
C SER A 188 19.82 -18.19 20.29
N CYS A 189 20.00 -16.97 20.71
CA CYS A 189 19.46 -15.81 20.00
C CYS A 189 20.53 -15.22 19.10
N PRO A 190 20.17 -14.52 18.06
CA PRO A 190 21.22 -13.93 17.19
C PRO A 190 22.08 -12.93 17.94
N ILE A 191 23.35 -12.84 17.51
CA ILE A 191 24.24 -11.87 18.12
C ILE A 191 23.62 -10.50 17.96
N GLY A 192 23.65 -9.71 19.04
CA GLY A 192 23.03 -8.40 18.97
C GLY A 192 21.56 -8.36 19.35
N THR A 193 20.97 -9.49 19.73
CA THR A 193 19.60 -9.52 20.24
C THR A 193 19.64 -9.90 21.70
N ASN A 194 18.56 -9.58 22.42
CA ASN A 194 18.45 -9.86 23.83
C ASN A 194 17.57 -11.09 24.00
N TYR A 195 17.98 -12.00 24.85
CA TYR A 195 17.16 -13.16 25.16
C TYR A 195 15.85 -12.72 25.79
N ARG A 196 14.85 -13.55 25.61
CA ARG A 196 13.57 -13.35 26.24
C ARG A 196 13.72 -13.11 27.74
N SER A 197 12.99 -12.14 28.24
CA SER A 197 13.06 -11.81 29.66
C SER A 197 12.34 -12.88 30.49
N CYS A 198 13.03 -13.44 31.48
CA CYS A 198 12.52 -14.55 32.27
C CYS A 198 13.01 -14.43 33.72
N GLU A 199 12.19 -14.95 34.63
CA GLU A 199 12.48 -14.88 36.06
C GLU A 199 12.15 -16.22 36.70
N SER A 200 12.95 -16.61 37.70
CA SER A 200 12.72 -17.81 38.49
C SER A 200 12.45 -17.42 39.93
N THR A 201 11.43 -18.02 40.53
CA THR A 201 11.07 -17.71 41.91
C THR A 201 10.70 -18.98 42.64
N THR A 202 10.73 -18.88 43.95
CA THR A 202 10.02 -19.83 44.78
C THR A 202 8.59 -19.38 44.93
N VAL A 203 7.72 -20.33 45.06
CA VAL A 203 6.37 -19.98 45.40
C VAL A 203 5.78 -21.27 45.88
N LEU A 204 5.24 -21.24 47.09
CA LEU A 204 4.63 -22.39 47.71
C LEU A 204 5.70 -23.46 47.70
N ASP A 205 5.51 -24.60 47.07
CA ASP A 205 6.51 -25.65 47.14
C ASP A 205 7.22 -25.86 45.83
N HIS A 206 7.15 -24.86 44.94
CA HIS A 206 7.88 -24.88 43.70
C HIS A 206 9.20 -24.12 43.93
N THR A 207 10.32 -24.84 43.88
CA THR A 207 11.59 -24.17 44.19
C THR A 207 12.11 -23.34 43.03
N ASP A 208 11.74 -23.70 41.81
CA ASP A 208 12.28 -23.10 40.63
C ASP A 208 11.14 -22.88 39.65
N TRP A 209 10.25 -21.98 40.03
CA TRP A 209 9.09 -21.64 39.19
C TRP A 209 9.54 -20.56 38.22
N CYS A 210 9.53 -20.89 36.93
CA CYS A 210 9.99 -19.99 35.88
C CYS A 210 8.81 -19.39 35.13
N ARG A 211 8.86 -18.06 34.91
CA ARG A 211 7.89 -17.33 34.11
C ARG A 211 8.62 -16.31 33.26
N CYS A 212 8.20 -16.21 32.01
CA CYS A 212 8.81 -15.30 31.08
C CYS A 212 7.76 -14.30 30.61
N SER A 213 8.16 -13.50 29.64
CA SER A 213 7.38 -12.38 29.15
C SER A 213 6.27 -12.86 28.22
N CYS A 214 5.25 -12.01 28.08
CA CYS A 214 4.21 -12.21 27.08
CA CYS A 214 4.22 -12.21 27.07
C CYS A 214 3.26 -13.36 27.41
N LEU A 215 3.01 -13.58 28.68
CA LEU A 215 2.05 -14.63 29.04
C LEU A 215 0.71 -13.98 29.29
N PRO A 216 -0.38 -14.69 28.93
CA PRO A 216 -0.41 -16.00 28.27
C PRO A 216 0.08 -15.98 26.84
N ASP A 217 -0.16 -14.86 26.18
CA ASP A 217 0.35 -14.63 24.83
C ASP A 217 0.27 -13.14 24.57
N PRO A 218 0.93 -12.64 23.54
CA PRO A 218 1.02 -11.18 23.40
C PRO A 218 -0.33 -10.51 23.21
N ILE A 219 -1.32 -11.22 22.70
CA ILE A 219 -2.62 -10.58 22.53
C ILE A 219 -3.32 -10.45 23.88
N THR A 220 -3.28 -11.50 24.69
CA THR A 220 -3.97 -11.55 25.97
C THR A 220 -3.05 -11.27 27.15
N ALA A 221 -1.85 -10.75 26.90
CA ALA A 221 -0.84 -10.60 27.94
C ALA A 221 -1.38 -9.92 29.20
N TYR A 222 -1.14 -10.56 30.36
CA TYR A 222 -1.44 -9.93 31.64
C TYR A 222 -0.79 -8.57 31.75
N ASP A 223 0.48 -8.48 31.34
CA ASP A 223 1.30 -7.30 31.52
C ASP A 223 1.93 -6.88 30.21
N PRO A 224 1.26 -6.06 29.41
CA PRO A 224 1.83 -5.67 28.12
C PRO A 224 3.15 -4.93 28.24
N ARG A 225 3.33 -4.19 29.34
CA ARG A 225 4.54 -3.42 29.53
C ARG A 225 5.79 -4.30 29.47
N SER A 226 5.72 -5.51 30.03
CA SER A 226 6.90 -6.37 30.07
C SER A 226 6.99 -7.28 28.85
N CYS A 227 6.03 -7.19 27.93
CA CYS A 227 6.08 -7.96 26.68
C CYS A 227 6.72 -7.08 25.62
N SER A 228 7.78 -7.58 24.98
CA SER A 228 8.54 -6.78 24.02
C SER A 228 7.81 -6.62 22.70
N GLN A 229 6.77 -7.40 22.47
CA GLN A 229 5.94 -7.26 21.29
C GLN A 229 4.86 -6.23 21.62
N LYS A 230 4.83 -5.14 20.86
CA LYS A 230 4.02 -3.97 21.20
C LYS A 230 2.89 -3.82 20.19
N LYS A 231 1.67 -3.68 20.68
CA LYS A 231 0.53 -3.55 19.80
C LYS A 231 0.76 -2.41 18.83
N SER A 232 0.39 -2.59 17.55
CA SER A 232 0.56 -1.52 16.56
C SER A 232 -0.58 -1.51 15.55
N LEU A 233 -1.23 -0.37 15.44
CA LEU A 233 -2.26 -0.13 14.41
C LEU A 233 -1.55 0.34 13.15
N VAL A 234 -2.00 -0.15 11.99
CA VAL A 234 -1.34 0.28 10.76
C VAL A 234 -1.66 1.75 10.50
N GLY A 235 -0.66 2.48 10.07
CA GLY A 235 -0.91 3.81 9.58
C GLY A 235 -1.17 3.80 8.09
N VAL A 236 -1.60 4.95 7.58
CA VAL A 236 -1.77 5.10 6.14
C VAL A 236 -0.46 4.75 5.48
N GLY A 237 -0.52 3.96 4.41
CA GLY A 237 0.67 3.60 3.67
C GLY A 237 1.47 2.44 4.25
N GLU A 238 1.11 1.94 5.44
CA GLU A 238 1.86 0.87 6.11
C GLU A 238 1.22 -0.49 5.94
N HIS A 239 2.05 -1.51 6.13
CA HIS A 239 1.59 -2.87 6.31
C HIS A 239 1.69 -3.30 7.76
N CYS A 240 1.00 -4.39 8.06
CA CYS A 240 1.02 -5.00 9.38
C CYS A 240 2.46 -5.22 9.86
N ALA A 241 2.76 -4.74 11.06
CA ALA A 241 4.14 -4.86 11.55
C ALA A 241 4.52 -6.31 11.84
N GLY A 242 3.56 -7.20 12.00
CA GLY A 242 3.84 -8.59 12.36
C GLY A 242 2.76 -9.22 13.21
N PHE A 243 2.59 -10.52 13.03
CA PHE A 243 1.77 -11.31 13.94
C PHE A 243 2.50 -11.44 15.29
N GLY A 244 1.73 -11.37 16.37
CA GLY A 244 2.29 -11.72 17.67
C GLY A 244 2.70 -13.17 17.69
N VAL A 245 3.78 -13.48 18.42
CA VAL A 245 4.28 -14.85 18.51
CA VAL A 245 4.28 -14.86 18.52
C VAL A 245 4.13 -15.33 19.96
N ASP A 246 3.61 -16.54 20.11
CA ASP A 246 3.59 -17.19 21.42
C ASP A 246 5.03 -17.58 21.73
N GLU A 247 5.70 -16.83 22.62
CA GLU A 247 7.12 -17.11 22.91
C GLU A 247 7.34 -18.49 23.53
N GLU A 248 6.29 -19.09 24.14
CA GLU A 248 6.36 -20.46 24.63
C GLU A 248 6.46 -21.48 23.51
N LYS A 249 6.33 -21.07 22.27
CA LYS A 249 6.48 -21.99 21.14
C LYS A 249 7.68 -21.62 20.29
N CYS A 250 8.62 -20.88 20.87
CA CYS A 250 9.86 -20.51 20.22
C CYS A 250 11.02 -21.12 20.98
N GLY A 251 11.94 -21.76 20.26
CA GLY A 251 12.94 -22.59 20.89
C GLY A 251 12.42 -23.99 21.07
N VAL A 252 13.21 -24.79 21.80
CA VAL A 252 12.84 -26.16 22.13
C VAL A 252 13.12 -26.45 23.60
N LEU A 253 12.32 -27.34 24.17
CA LEU A 253 12.55 -27.73 25.55
C LEU A 253 13.94 -28.32 25.69
N ASP A 254 14.73 -27.74 26.57
CA ASP A 254 16.12 -28.13 26.79
C ASP A 254 17.01 -27.81 25.61
N GLY A 255 16.59 -26.85 24.79
CA GLY A 255 17.43 -26.40 23.70
C GLY A 255 18.68 -25.73 24.22
N SER A 256 19.80 -26.07 23.63
CA SER A 256 21.07 -25.50 24.01
C SER A 256 21.48 -24.40 23.03
N TYR A 257 22.70 -23.89 23.21
CA TYR A 257 23.22 -22.87 22.33
C TYR A 257 23.51 -23.39 20.93
N ASN A 258 23.45 -24.69 20.69
CA ASN A 258 23.66 -25.21 19.34
CA ASN A 258 23.65 -25.24 19.35
C ASN A 258 22.37 -25.25 18.52
N VAL A 259 21.24 -24.79 19.06
CA VAL A 259 19.98 -24.68 18.29
C VAL A 259 19.68 -23.20 18.13
N SER A 260 19.36 -22.79 16.91
CA SER A 260 19.02 -21.41 16.62
C SER A 260 17.54 -21.13 16.93
N CYS A 261 17.27 -19.94 17.46
CA CYS A 261 15.95 -19.59 17.93
C CYS A 261 15.01 -19.50 16.73
N LEU A 262 13.96 -20.31 16.77
CA LEU A 262 12.98 -20.41 15.71
C LEU A 262 11.63 -20.73 16.35
N CYS A 263 10.57 -20.14 15.82
CA CYS A 263 9.21 -20.33 16.32
C CYS A 263 8.44 -21.23 15.38
N SER A 264 7.67 -22.16 15.93
CA SER A 264 6.88 -23.03 15.09
C SER A 264 5.82 -22.21 14.35
N THR A 265 5.30 -22.78 13.27
CA THR A 265 4.34 -22.05 12.45
C THR A 265 3.12 -21.64 13.26
N ASP A 266 2.62 -22.54 14.09
CA ASP A 266 1.46 -22.24 14.90
C ASP A 266 1.75 -21.28 16.05
N ALA A 267 3.00 -20.81 16.22
CA ALA A 267 3.26 -19.79 17.24
C ALA A 267 2.74 -18.42 16.83
N PHE A 268 2.48 -18.19 15.55
CA PHE A 268 2.13 -16.87 15.04
C PHE A 268 0.60 -16.71 15.12
N LEU A 269 0.15 -15.78 15.93
CA LEU A 269 -1.23 -15.65 16.34
C LEU A 269 -1.89 -14.43 15.72
N GLY A 270 -3.19 -14.29 15.99
CA GLY A 270 -3.87 -13.02 15.72
C GLY A 270 -4.19 -12.78 14.27
N TRP A 271 -4.42 -13.82 13.50
CA TRP A 271 -4.82 -13.67 12.12
C TRP A 271 -5.90 -14.70 11.80
N SER A 272 -6.61 -14.48 10.71
CA SER A 272 -7.58 -15.46 10.24
C SER A 272 -7.71 -15.30 8.74
N TYR A 273 -8.78 -15.84 8.16
CA TYR A 273 -8.94 -15.86 6.72
C TYR A 273 -10.40 -16.12 6.38
N ASP A 274 -10.79 -15.78 5.15
CA ASP A 274 -12.12 -16.13 4.64
C ASP A 274 -12.00 -16.15 3.12
N THR A 275 -12.89 -16.90 2.49
CA THR A 275 -12.91 -16.88 1.05
C THR A 275 -13.32 -15.49 0.56
N CYS A 276 -12.89 -15.15 -0.65
CA CYS A 276 -13.37 -13.95 -1.33
C CYS A 276 -14.46 -14.24 -2.36
N VAL A 277 -14.90 -15.47 -2.48
CA VAL A 277 -15.76 -15.88 -3.60
C VAL A 277 -17.22 -15.65 -3.24
N SER A 278 -17.96 -15.06 -4.17
CA SER A 278 -19.41 -15.10 -4.15
C SER A 278 -19.87 -15.05 -5.60
N ASN A 279 -20.89 -15.82 -5.91
CA ASN A 279 -21.37 -15.96 -7.30
C ASN A 279 -20.23 -16.39 -8.22
N ASN A 280 -19.36 -17.25 -7.71
CA ASN A 280 -18.25 -17.83 -8.47
C ASN A 280 -17.25 -16.80 -8.99
N ARG A 281 -17.21 -15.62 -8.37
CA ARG A 281 -16.18 -14.64 -8.64
C ARG A 281 -15.53 -14.19 -7.34
N CYS A 282 -14.26 -13.81 -7.43
CA CYS A 282 -13.52 -13.29 -6.30
CA CYS A 282 -13.53 -13.30 -6.28
C CYS A 282 -13.70 -11.79 -6.21
N ASN A 283 -14.15 -11.32 -5.05
CA ASN A 283 -14.41 -9.91 -4.85
C ASN A 283 -13.13 -9.19 -4.45
N ILE A 284 -12.89 -8.03 -5.07
CA ILE A 284 -11.63 -7.31 -4.93
C ILE A 284 -11.92 -5.85 -4.64
N PHE A 285 -11.03 -5.25 -3.84
CA PHE A 285 -11.06 -3.85 -3.50
C PHE A 285 -9.88 -3.14 -4.15
N SER A 286 -10.11 -1.94 -4.67
CA SER A 286 -9.00 -1.08 -5.07
C SER A 286 -9.31 0.34 -4.64
N ASN A 287 -8.27 1.02 -4.20
CA ASN A 287 -8.33 2.41 -3.80
C ASN A 287 -7.47 3.24 -4.75
N PHE A 288 -8.04 4.31 -5.28
CA PHE A 288 -7.35 5.27 -6.13
C PHE A 288 -7.04 6.52 -5.32
N ILE A 289 -5.78 6.93 -5.28
CA ILE A 289 -5.43 8.23 -4.72
C ILE A 289 -5.12 9.15 -5.87
N LEU A 290 -5.82 10.27 -5.95
CA LEU A 290 -5.70 11.23 -7.05
C LEU A 290 -4.79 12.37 -6.59
N ASN A 291 -3.57 12.41 -7.11
CA ASN A 291 -2.61 13.44 -6.73
C ASN A 291 -2.56 14.54 -7.77
N GLY A 292 -2.65 15.78 -7.30
CA GLY A 292 -2.46 16.96 -8.13
C GLY A 292 -3.49 17.10 -9.23
N ILE A 293 -4.76 17.22 -8.87
CA ILE A 293 -5.81 17.41 -9.86
C ILE A 293 -5.52 18.67 -10.65
N ASN A 294 -5.75 18.61 -11.95
CA ASN A 294 -5.55 19.75 -12.83
C ASN A 294 -4.08 20.14 -12.88
N SER A 295 -3.20 19.13 -12.88
CA SER A 295 -1.79 19.31 -13.10
C SER A 295 -1.24 17.98 -13.61
N GLY A 296 -0.06 18.02 -14.16
CA GLY A 296 0.61 16.79 -14.53
C GLY A 296 0.15 16.22 -15.86
N THR A 297 0.61 15.00 -16.11
CA THR A 297 0.42 14.36 -17.40
C THR A 297 -0.18 12.96 -17.28
N THR A 298 -0.88 12.67 -16.20
CA THR A 298 -1.71 11.47 -16.10
C THR A 298 -3.13 11.94 -16.41
N CYS A 299 -3.56 11.74 -17.66
CA CYS A 299 -4.71 12.46 -18.18
CA CYS A 299 -4.70 12.45 -18.20
C CYS A 299 -5.77 11.49 -18.69
N SER A 300 -7.03 11.82 -18.40
CA SER A 300 -8.18 11.11 -18.95
C SER A 300 -8.39 11.45 -20.42
N ASN A 301 -8.52 10.41 -21.24
CA ASN A 301 -8.89 10.52 -22.64
C ASN A 301 -10.38 10.27 -22.88
N ASP A 302 -11.21 10.35 -21.83
CA ASP A 302 -12.62 10.01 -21.99
C ASP A 302 -13.35 11.04 -22.85
N LEU A 303 -12.82 12.25 -22.94
CA LEU A 303 -13.43 13.36 -23.67
C LEU A 303 -12.58 13.74 -24.87
N LEU A 304 -13.24 14.19 -25.94
CA LEU A 304 -12.55 14.90 -27.00
C LEU A 304 -12.27 16.32 -26.51
N GLN A 305 -11.12 16.53 -25.88
CA GLN A 305 -10.79 17.87 -25.38
C GLN A 305 -10.69 18.83 -26.55
N PRO A 306 -11.62 19.79 -26.68
CA PRO A 306 -11.47 20.84 -27.69
C PRO A 306 -10.39 21.82 -27.27
N ASN A 307 -9.24 21.78 -27.96
CA ASN A 307 -8.12 22.62 -27.58
C ASN A 307 -8.49 24.09 -27.72
N THR A 308 -8.22 24.86 -26.68
CA THR A 308 -8.55 26.27 -26.69
C THR A 308 -7.41 27.08 -27.32
N GLU A 309 -7.68 28.37 -27.50
CA GLU A 309 -6.73 29.25 -28.15
C GLU A 309 -5.47 29.40 -27.30
N VAL A 310 -4.38 29.77 -27.97
CA VAL A 310 -3.21 30.28 -27.29
C VAL A 310 -3.40 31.80 -27.20
N PHE A 311 -3.94 32.26 -26.08
CA PHE A 311 -4.14 33.70 -25.89
C PHE A 311 -2.78 34.42 -25.89
N THR A 312 -2.67 35.45 -26.70
CA THR A 312 -1.41 36.17 -26.85
C THR A 312 -1.52 37.57 -26.28
N ASP A 313 -0.36 38.18 -26.03
CA ASP A 313 -0.28 39.58 -25.63
C ASP A 313 -0.90 39.86 -24.28
N VAL A 314 -1.08 38.84 -23.44
CA VAL A 314 -1.72 39.02 -22.14
C VAL A 314 -1.08 38.04 -21.15
N CYS A 315 -0.91 38.48 -19.91
CA CYS A 315 -0.38 37.58 -18.90
C CYS A 315 -1.34 36.43 -18.67
N VAL A 316 -0.81 35.23 -18.72
CA VAL A 316 -1.61 34.02 -18.74
C VAL A 316 -0.92 32.95 -17.91
N ASP A 317 -1.70 32.18 -17.16
CA ASP A 317 -1.16 30.98 -16.54
C ASP A 317 -1.25 29.84 -17.56
N TYR A 318 -0.21 29.02 -17.61
CA TYR A 318 -0.12 27.99 -18.64
C TYR A 318 0.33 26.67 -18.02
N ASP A 319 -0.01 25.59 -18.73
CA ASP A 319 0.43 24.24 -18.37
C ASP A 319 0.76 23.56 -19.69
N LEU A 320 2.05 23.53 -20.03
CA LEU A 320 2.50 23.16 -21.37
C LEU A 320 3.34 21.91 -21.28
N TYR A 321 2.81 20.81 -21.81
CA TYR A 321 3.51 19.53 -21.86
C TYR A 321 4.01 19.16 -20.46
N GLY A 322 3.17 19.42 -19.47
CA GLY A 322 3.51 19.13 -18.09
C GLY A 322 4.18 20.25 -17.33
N ILE A 323 4.64 21.31 -17.99
CA ILE A 323 5.37 22.39 -17.32
C ILE A 323 4.44 23.56 -17.09
N THR A 324 4.47 24.14 -15.90
CA THR A 324 3.54 25.19 -15.53
C THR A 324 4.30 26.50 -15.34
N GLY A 325 3.55 27.59 -15.42
CA GLY A 325 4.09 28.91 -15.28
C GLY A 325 3.07 29.92 -15.73
N GLN A 326 3.48 31.18 -15.70
CA GLN A 326 2.67 32.26 -16.26
C GLN A 326 3.57 33.13 -17.12
N GLY A 327 2.97 33.72 -18.15
CA GLY A 327 3.72 34.58 -19.03
C GLY A 327 2.82 35.14 -20.12
N ILE A 328 3.44 35.96 -20.97
CA ILE A 328 2.78 36.56 -22.11
C ILE A 328 3.27 35.82 -23.36
N PHE A 329 2.33 35.36 -24.17
CA PHE A 329 2.65 34.65 -25.40
C PHE A 329 2.61 35.63 -26.55
N LYS A 330 3.63 35.57 -27.41
CA LYS A 330 3.61 36.34 -28.65
C LYS A 330 3.95 35.40 -29.80
N GLU A 331 3.04 35.27 -30.74
CA GLU A 331 3.32 34.39 -31.87
C GLU A 331 4.46 34.95 -32.70
N VAL A 332 5.33 34.06 -33.19
CA VAL A 332 6.46 34.44 -34.00
C VAL A 332 6.48 33.54 -35.23
N SER A 333 6.96 34.09 -36.34
CA SER A 333 7.29 33.26 -37.50
C SER A 333 8.32 32.21 -37.12
N ALA A 334 8.28 31.07 -37.81
CA ALA A 334 9.06 29.91 -37.36
C ALA A 334 10.55 30.21 -37.30
N VAL A 335 11.04 31.17 -38.08
CA VAL A 335 12.47 31.40 -38.12
C VAL A 335 13.00 31.85 -36.76
N TYR A 336 12.17 32.49 -35.97
CA TYR A 336 12.62 33.04 -34.69
C TYR A 336 12.53 32.03 -33.56
N TYR A 337 12.09 30.81 -33.85
CA TYR A 337 11.90 29.77 -32.84
C TYR A 337 13.16 28.89 -32.88
N ASN A 338 14.11 29.17 -31.99
CA ASN A 338 15.46 28.61 -32.07
C ASN A 338 15.58 27.26 -31.34
N SER A 339 14.76 26.29 -31.74
CA SER A 339 15.02 24.91 -31.34
C SER A 339 14.05 23.98 -32.06
N TRP A 340 14.31 22.69 -31.94
CA TRP A 340 13.55 21.63 -32.60
C TRP A 340 12.50 21.01 -31.69
N GLN A 341 12.56 21.31 -30.40
CA GLN A 341 11.62 20.77 -29.45
C GLN A 341 10.36 21.63 -29.39
N ASN A 342 9.39 21.14 -28.64
CA ASN A 342 8.12 21.86 -28.46
C ASN A 342 8.19 22.90 -27.35
N LEU A 343 9.29 22.94 -26.62
CA LEU A 343 9.54 23.95 -25.61
C LEU A 343 10.96 24.45 -25.75
N LEU A 344 11.16 25.69 -25.36
CA LEU A 344 12.42 26.41 -25.56
C LEU A 344 12.80 27.03 -24.23
N TYR A 345 14.03 26.75 -23.78
CA TYR A 345 14.50 27.21 -22.48
C TYR A 345 15.65 28.19 -22.61
N ASP A 346 15.75 29.10 -21.64
CA ASP A 346 16.84 30.07 -21.63
C ASP A 346 18.07 29.47 -20.95
N SER A 347 19.09 30.30 -20.74
CA SER A 347 20.29 29.87 -20.05
C SER A 347 20.00 29.52 -18.59
N ASN A 348 19.02 30.18 -17.98
CA ASN A 348 18.71 29.96 -16.58
C ASN A 348 17.70 28.82 -16.38
N GLY A 349 17.29 28.15 -17.45
CA GLY A 349 16.37 27.03 -17.36
C GLY A 349 14.89 27.38 -17.42
N ASN A 350 14.55 28.65 -17.66
CA ASN A 350 13.16 29.07 -17.71
C ASN A 350 12.62 29.02 -19.14
N ILE A 351 11.33 28.67 -19.26
CA ILE A 351 10.71 28.54 -20.57
C ILE A 351 10.59 29.90 -21.21
N ILE A 352 11.14 30.05 -22.42
CA ILE A 352 11.05 31.27 -23.20
C ILE A 352 10.32 31.07 -24.53
N GLY A 353 9.85 29.87 -24.83
CA GLY A 353 9.26 29.60 -26.12
C GLY A 353 8.50 28.31 -26.12
N PHE A 354 7.56 28.22 -27.07
CA PHE A 354 6.62 27.12 -27.13
C PHE A 354 6.17 26.88 -28.58
N LYS A 355 6.17 25.61 -28.99
CA LYS A 355 5.56 25.19 -30.25
C LYS A 355 4.30 24.38 -29.99
N ASP A 356 3.19 24.80 -30.60
CA ASP A 356 1.89 24.18 -30.39
C ASP A 356 1.71 23.02 -31.35
N PHE A 357 1.63 21.80 -30.84
CA PHE A 357 1.51 20.65 -31.73
C PHE A 357 0.19 20.66 -32.47
N VAL A 358 -0.81 21.38 -31.98
CA VAL A 358 -2.13 21.36 -32.62
C VAL A 358 -2.13 22.18 -33.90
N THR A 359 -1.43 23.31 -33.90
CA THR A 359 -1.41 24.24 -35.02
C THR A 359 -0.04 24.37 -35.68
N ASN A 360 1.00 23.86 -35.04
CA ASN A 360 2.40 24.06 -35.41
C ASN A 360 2.83 25.52 -35.32
N LYS A 361 2.04 26.36 -34.68
CA LYS A 361 2.46 27.73 -34.43
C LYS A 361 3.50 27.78 -33.33
N THR A 362 4.35 28.82 -33.41
CA THR A 362 5.46 29.03 -32.51
C THR A 362 5.27 30.35 -31.80
N TYR A 363 5.72 30.40 -30.55
CA TYR A 363 5.48 31.53 -29.68
C TYR A 363 6.73 31.76 -28.83
N ASN A 364 7.04 33.03 -28.64
CA ASN A 364 7.89 33.43 -27.55
C ASN A 364 7.03 33.56 -26.31
N ILE A 365 7.62 33.29 -25.15
CA ILE A 365 6.94 33.48 -23.88
C ILE A 365 7.79 34.46 -23.08
N PHE A 366 7.17 35.56 -22.65
CA PHE A 366 7.85 36.54 -21.82
C PHE A 366 7.25 36.56 -20.42
N PRO A 367 8.00 37.04 -19.42
CA PRO A 367 7.43 37.17 -18.07
C PRO A 367 6.44 38.32 -18.00
N CYS A 368 5.53 38.20 -17.03
CA CYS A 368 4.43 39.16 -16.86
C CYS A 368 4.86 40.49 -16.24
#